data_2X2G
#
_entry.id   2X2G
#
_cell.length_a   45.250
_cell.length_b   85.790
_cell.length_c   55.590
_cell.angle_alpha   90.00
_cell.angle_beta   97.66
_cell.angle_gamma   90.00
#
_symmetry.space_group_name_H-M   'P 1 21 1'
#
loop_
_entity.id
_entity.type
_entity.pdbx_description
1 polymer 'TRIOSEPHOSPHATE ISOMERASE, GLYCOSOMAL'
2 non-polymer '3-PHOSPHOGLYCERIC ACID'
3 water water
#
_entity_poly.entity_id   1
_entity_poly.type   'polypeptide(L)'
_entity_poly.pdbx_seq_one_letter_code
;SKPQPIAAANWKSGSPDSLSELIDLFNSTSINHDVQCVVASTFVHLAMTKERLSHPKFVIAAQNAGNADALASLKDFGVN
WIVLGHSERRWYYGETNEIVADKVAAAVASGFMVIACIGETLQERESGRTAVVVLTQIAAIAKKLKKADWAKVVIAYEPV
WAIGTGKVATPQQAQEAHALIRSWVSSKIGADVAGELRILYGGSVNGKNARTLYQQRDVNGFLAGLKPEFVDIIKATQ
;
_entity_poly.pdbx_strand_id   A,B
#
loop_
_chem_comp.id
_chem_comp.type
_chem_comp.name
_chem_comp.formula
3PG non-polymer '3-PHOSPHOGLYCERIC ACID' 'C3 H7 O7 P'
#
# COMPACT_ATOMS: atom_id res chain seq x y z
N SER A 1 -3.89 -12.11 14.49
CA SER A 1 -4.53 -12.04 13.18
C SER A 1 -3.46 -11.91 12.09
N LYS A 2 -3.88 -12.09 10.84
CA LYS A 2 -2.95 -12.07 9.73
C LYS A 2 -2.60 -10.67 9.31
N PRO A 3 -1.37 -10.48 8.81
CA PRO A 3 -1.03 -9.18 8.23
C PRO A 3 -1.75 -9.03 6.90
N GLN A 4 -1.56 -7.89 6.26
CA GLN A 4 -2.16 -7.67 4.96
C GLN A 4 -1.73 -8.73 3.97
N PRO A 5 -2.70 -9.42 3.37
CA PRO A 5 -2.27 -10.43 2.39
C PRO A 5 -1.73 -9.78 1.12
N ILE A 6 -0.99 -10.57 0.36
CA ILE A 6 -0.48 -10.13 -0.94
C ILE A 6 -0.89 -11.15 -1.97
N ALA A 7 -1.36 -10.68 -3.11
CA ALA A 7 -1.55 -11.56 -4.24
C ALA A 7 -0.61 -11.03 -5.31
N ALA A 8 0.38 -11.84 -5.69
CA ALA A 8 1.36 -11.41 -6.66
C ALA A 8 1.37 -12.40 -7.81
N ALA A 9 1.51 -11.86 -9.02
CA ALA A 9 1.51 -12.67 -10.23
C ALA A 9 2.83 -12.41 -10.96
N ASN A 10 3.47 -13.50 -11.34
CA ASN A 10 4.80 -13.47 -11.93
C ASN A 10 4.69 -13.66 -13.42
N TRP A 11 5.43 -12.85 -14.18
CA TRP A 11 5.52 -13.07 -15.61
C TRP A 11 6.76 -13.93 -15.90
N ASP A 17 -1.81 -16.15 -23.68
CA ASP A 17 -2.51 -15.09 -22.93
C ASP A 17 -2.08 -13.70 -23.38
N SER A 18 -3.04 -12.83 -23.63
CA SER A 18 -2.73 -11.44 -23.97
C SER A 18 -2.53 -10.65 -22.67
N LEU A 19 -1.37 -10.02 -22.53
CA LEU A 19 -1.08 -9.20 -21.38
C LEU A 19 -2.05 -8.01 -21.32
N SER A 20 -2.31 -7.40 -22.46
CA SER A 20 -3.22 -6.26 -22.56
C SER A 20 -4.61 -6.64 -22.04
N GLU A 21 -5.10 -7.80 -22.45
CA GLU A 21 -6.42 -8.25 -22.01
C GLU A 21 -6.42 -8.57 -20.53
N LEU A 22 -5.30 -9.09 -20.04
CA LEU A 22 -5.17 -9.43 -18.64
C LEU A 22 -5.30 -8.17 -17.78
N ILE A 23 -4.55 -7.15 -18.17
CA ILE A 23 -4.55 -5.87 -17.48
C ILE A 23 -5.93 -5.22 -17.49
N ASP A 24 -6.60 -5.28 -18.64
CA ASP A 24 -7.98 -4.83 -18.74
C ASP A 24 -8.81 -5.49 -17.66
N LEU A 25 -8.69 -6.81 -17.55
CA LEU A 25 -9.47 -7.56 -16.58
C LEU A 25 -9.14 -7.13 -15.15
N PHE A 26 -7.85 -6.98 -14.85
CA PHE A 26 -7.43 -6.53 -13.53
C PHE A 26 -7.99 -5.15 -13.24
N ASN A 27 -7.81 -4.23 -14.19
CA ASN A 27 -8.29 -2.86 -14.01
C ASN A 27 -9.78 -2.81 -13.69
N SER A 28 -10.54 -3.74 -14.25
CA SER A 28 -11.99 -3.75 -14.14
C SER A 28 -12.46 -4.49 -12.90
N THR A 29 -11.53 -5.09 -12.19
CA THR A 29 -11.87 -5.90 -11.04
C THR A 29 -11.96 -5.10 -9.76
N SER A 30 -13.17 -4.99 -9.20
CA SER A 30 -13.35 -4.43 -7.88
C SER A 30 -12.81 -5.42 -6.87
N ILE A 31 -11.89 -4.95 -6.04
CA ILE A 31 -11.35 -5.78 -4.98
C ILE A 31 -11.78 -5.15 -3.67
N ASN A 32 -12.70 -5.79 -2.96
CA ASN A 32 -13.26 -5.14 -1.79
C ASN A 32 -12.39 -5.21 -0.55
N HIS A 33 -11.66 -6.31 -0.38
CA HIS A 33 -10.89 -6.49 0.83
C HIS A 33 -9.50 -5.90 0.71
N ASP A 34 -8.82 -5.79 1.84
CA ASP A 34 -7.48 -5.23 1.89
C ASP A 34 -6.48 -6.28 1.42
N VAL A 35 -5.86 -6.04 0.28
CA VAL A 35 -4.88 -6.99 -0.24
C VAL A 35 -3.99 -6.21 -1.17
N GLN A 36 -2.68 -6.45 -1.06
CA GLN A 36 -1.75 -5.77 -1.95
C GLN A 36 -1.56 -6.66 -3.15
N CYS A 37 -1.88 -6.14 -4.33
CA CYS A 37 -1.72 -6.95 -5.52
C CYS A 37 -0.45 -6.50 -6.23
N VAL A 38 0.26 -7.46 -6.80
CA VAL A 38 1.52 -7.17 -7.42
C VAL A 38 1.56 -7.86 -8.77
N VAL A 39 2.01 -7.15 -9.79
CA VAL A 39 2.28 -7.77 -11.08
C VAL A 39 3.76 -7.60 -11.37
N ALA A 40 4.47 -8.72 -11.33
CA ALA A 40 5.90 -8.70 -11.60
C ALA A 40 6.11 -8.92 -13.08
N SER A 41 6.82 -7.99 -13.71
CA SER A 41 6.97 -7.99 -15.15
C SER A 41 8.43 -8.25 -15.50
N THR A 42 8.66 -8.75 -16.72
CA THR A 42 10.02 -8.73 -17.25
C THR A 42 10.29 -7.32 -17.75
N PHE A 43 11.57 -6.98 -17.91
CA PHE A 43 11.97 -5.63 -18.26
C PHE A 43 11.19 -5.07 -19.44
N VAL A 44 11.05 -5.87 -20.50
CA VAL A 44 10.40 -5.42 -21.73
C VAL A 44 8.93 -5.04 -21.56
N HIS A 45 8.20 -5.82 -20.77
CA HIS A 45 6.78 -5.53 -20.58
C HIS A 45 6.55 -4.47 -19.50
N LEU A 46 7.63 -3.94 -18.93
CA LEU A 46 7.52 -3.02 -17.80
C LEU A 46 6.77 -1.72 -18.13
N ALA A 47 7.26 -0.97 -19.11
CA ALA A 47 6.68 0.32 -19.44
C ALA A 47 5.21 0.18 -19.84
N MET A 48 4.89 -0.92 -20.51
CA MET A 48 3.52 -1.21 -20.91
C MET A 48 2.63 -1.54 -19.71
N THR A 49 3.07 -2.46 -18.88
CA THR A 49 2.30 -2.80 -17.68
C THR A 49 2.12 -1.52 -16.89
N LYS A 50 3.20 -0.76 -16.79
CA LYS A 50 3.21 0.51 -16.09
C LYS A 50 2.16 1.51 -16.58
N GLU A 51 1.99 1.61 -17.89
CA GLU A 51 1.07 2.61 -18.42
C GLU A 51 -0.36 2.08 -18.48
N ARG A 52 -0.49 0.76 -18.45
CA ARG A 52 -1.80 0.15 -18.63
C ARG A 52 -2.47 -0.23 -17.32
N LEU A 53 -1.70 -0.82 -16.41
CA LEU A 53 -2.23 -1.24 -15.14
C LEU A 53 -2.43 -0.02 -14.25
N SER A 54 -3.67 0.31 -13.95
CA SER A 54 -3.95 1.53 -13.19
C SER A 54 -4.68 1.24 -11.90
N HIS A 55 -5.00 -0.03 -11.68
CA HIS A 55 -5.74 -0.40 -10.48
C HIS A 55 -4.89 -0.05 -9.25
N PRO A 56 -5.39 0.83 -8.38
CA PRO A 56 -4.54 1.38 -7.32
C PRO A 56 -4.18 0.37 -6.23
N LYS A 57 -4.80 -0.80 -6.23
CA LYS A 57 -4.43 -1.86 -5.28
C LYS A 57 -3.33 -2.74 -5.85
N PHE A 58 -2.90 -2.42 -7.07
CA PHE A 58 -1.81 -3.14 -7.72
C PHE A 58 -0.55 -2.30 -7.69
N VAL A 59 0.59 -2.95 -7.50
CA VAL A 59 1.87 -2.33 -7.77
C VAL A 59 2.60 -3.22 -8.75
N ILE A 60 3.55 -2.64 -9.45
CA ILE A 60 4.34 -3.36 -10.41
C ILE A 60 5.63 -3.75 -9.75
N ALA A 61 6.11 -4.96 -10.04
CA ALA A 61 7.38 -5.41 -9.53
C ALA A 61 8.33 -5.75 -10.68
N ALA A 62 9.60 -5.47 -10.47
CA ALA A 62 10.63 -5.94 -11.39
C ALA A 62 10.96 -7.35 -10.94
N GLN A 63 11.87 -8.00 -11.64
CA GLN A 63 12.32 -9.31 -11.22
C GLN A 63 13.81 -9.38 -11.42
N ASN A 64 14.51 -9.92 -10.43
CA ASN A 64 15.89 -10.38 -10.61
C ASN A 64 16.99 -9.32 -10.80
N ALA A 65 16.62 -8.05 -10.86
CA ALA A 65 17.62 -7.00 -10.96
C ALA A 65 18.61 -7.21 -9.83
N GLY A 66 19.91 -7.16 -10.13
CA GLY A 66 20.93 -7.35 -9.13
C GLY A 66 21.98 -6.26 -9.16
N ASN A 67 21.83 -5.36 -10.12
CA ASN A 67 22.77 -4.27 -10.31
C ASN A 67 22.25 -3.01 -9.62
N ALA A 68 23.10 -2.35 -8.84
CA ALA A 68 22.70 -1.13 -8.13
C ALA A 68 22.13 -0.05 -9.05
N ASP A 69 22.83 0.22 -10.16
CA ASP A 69 22.37 1.19 -11.13
C ASP A 69 21.03 0.77 -11.71
N ALA A 70 20.87 -0.52 -11.98
CA ALA A 70 19.62 -1.02 -12.53
C ALA A 70 18.52 -0.84 -11.49
N LEU A 71 18.80 -1.18 -10.24
CA LEU A 71 17.83 -0.98 -9.17
C LEU A 71 17.45 0.50 -9.08
N ALA A 72 18.44 1.37 -9.08
CA ALA A 72 18.19 2.80 -9.00
C ALA A 72 17.31 3.28 -10.13
N SER A 73 17.57 2.78 -11.34
CA SER A 73 16.77 3.17 -12.50
C SER A 73 15.32 2.71 -12.39
N LEU A 74 15.12 1.50 -11.90
CA LEU A 74 13.77 0.98 -11.70
C LEU A 74 13.01 1.86 -10.73
N LYS A 75 13.67 2.19 -9.64
CA LYS A 75 13.05 2.99 -8.60
C LYS A 75 12.67 4.33 -9.22
N ASP A 76 13.57 4.89 -10.02
CA ASP A 76 13.32 6.15 -10.71
C ASP A 76 12.13 6.03 -11.67
N PHE A 77 11.96 4.83 -12.23
CA PHE A 77 10.89 4.57 -13.17
C PHE A 77 9.57 4.35 -12.45
N GLY A 78 9.61 4.37 -11.13
CA GLY A 78 8.39 4.22 -10.33
C GLY A 78 8.11 2.79 -9.92
N VAL A 79 9.12 1.93 -10.04
CA VAL A 79 8.97 0.53 -9.64
C VAL A 79 9.60 0.35 -8.27
N ASN A 80 8.80 -0.09 -7.31
CA ASN A 80 9.21 -0.09 -5.91
C ASN A 80 9.21 -1.48 -5.34
N TRP A 81 8.79 -2.46 -6.12
CA TRP A 81 8.77 -3.85 -5.68
C TRP A 81 9.63 -4.67 -6.61
N ILE A 82 10.10 -5.81 -6.11
CA ILE A 82 10.92 -6.69 -6.92
C ILE A 82 10.83 -8.12 -6.38
N VAL A 83 10.84 -9.07 -7.29
CA VAL A 83 10.80 -10.48 -6.91
C VAL A 83 12.20 -11.01 -7.13
N LEU A 84 12.73 -11.74 -6.14
CA LEU A 84 14.09 -12.23 -6.21
C LEU A 84 14.13 -13.66 -5.75
N GLY A 85 15.05 -14.45 -6.28
CA GLY A 85 15.22 -15.80 -5.78
C GLY A 85 14.23 -16.82 -6.31
N HIS A 86 13.43 -16.44 -7.30
CA HIS A 86 12.45 -17.38 -7.84
C HIS A 86 13.17 -18.64 -8.32
N SER A 87 12.49 -19.78 -8.20
CA SER A 87 13.12 -21.10 -8.37
C SER A 87 14.14 -21.20 -9.51
N GLU A 88 13.74 -20.83 -10.72
CA GLU A 88 14.64 -20.95 -11.88
C GLU A 88 15.93 -20.17 -11.73
N ARG A 89 15.91 -19.07 -10.96
CA ARG A 89 17.14 -18.30 -10.75
C ARG A 89 18.14 -19.17 -10.01
N ARG A 90 17.62 -19.99 -9.11
CA ARG A 90 18.47 -20.81 -8.29
C ARG A 90 18.86 -22.09 -9.04
N TRP A 91 17.89 -22.79 -9.61
CA TRP A 91 18.17 -24.13 -10.16
C TRP A 91 18.67 -24.10 -11.60
N TYR A 92 18.47 -22.97 -12.27
CA TYR A 92 18.89 -22.85 -13.66
C TYR A 92 20.01 -21.83 -13.84
N TYR A 93 19.75 -20.62 -13.37
CA TYR A 93 20.70 -19.52 -13.57
C TYR A 93 21.89 -19.56 -12.61
N GLY A 94 21.80 -20.38 -11.58
CA GLY A 94 22.90 -20.55 -10.64
C GLY A 94 22.97 -19.49 -9.56
N GLU A 95 21.87 -18.81 -9.29
CA GLU A 95 21.87 -17.86 -8.20
C GLU A 95 21.91 -18.64 -6.88
N THR A 96 23.01 -18.54 -6.17
CA THR A 96 23.19 -19.24 -4.91
C THR A 96 22.43 -18.52 -3.82
N ASN A 97 22.35 -19.15 -2.64
CA ASN A 97 21.70 -18.53 -1.51
C ASN A 97 22.28 -17.15 -1.25
N GLU A 98 23.59 -17.05 -1.38
CA GLU A 98 24.29 -15.78 -1.13
C GLU A 98 24.03 -14.72 -2.20
N ILE A 99 23.99 -15.11 -3.46
CA ILE A 99 23.67 -14.19 -4.53
C ILE A 99 22.24 -13.66 -4.35
N VAL A 100 21.30 -14.54 -4.04
CA VAL A 100 19.93 -14.08 -3.81
C VAL A 100 19.92 -13.14 -2.61
N ALA A 101 20.57 -13.56 -1.53
CA ALA A 101 20.69 -12.72 -0.36
C ALA A 101 21.26 -11.33 -0.69
N ASP A 102 22.34 -11.28 -1.47
CA ASP A 102 22.92 -10.01 -1.86
C ASP A 102 21.96 -9.14 -2.68
N LYS A 103 21.18 -9.76 -3.56
CA LYS A 103 20.21 -9.03 -4.34
C LYS A 103 19.11 -8.50 -3.43
N VAL A 104 18.66 -9.33 -2.50
CA VAL A 104 17.61 -8.89 -1.58
C VAL A 104 18.10 -7.67 -0.81
N ALA A 105 19.31 -7.77 -0.28
CA ALA A 105 19.89 -6.69 0.51
C ALA A 105 20.07 -5.43 -0.32
N ALA A 106 20.55 -5.58 -1.55
CA ALA A 106 20.71 -4.45 -2.46
C ALA A 106 19.37 -3.79 -2.78
N ALA A 107 18.37 -4.60 -3.05
CA ALA A 107 17.05 -4.06 -3.37
C ALA A 107 16.47 -3.32 -2.16
N VAL A 108 16.61 -3.91 -0.99
CA VAL A 108 16.13 -3.23 0.21
C VAL A 108 16.85 -1.91 0.39
N ALA A 109 18.17 -1.92 0.29
CA ALA A 109 18.93 -0.67 0.42
C ALA A 109 18.51 0.38 -0.62
N SER A 110 17.98 -0.06 -1.76
CA SER A 110 17.59 0.84 -2.84
C SER A 110 16.12 1.24 -2.75
N GLY A 111 15.50 0.92 -1.62
CA GLY A 111 14.14 1.36 -1.36
C GLY A 111 13.05 0.45 -1.89
N PHE A 112 13.38 -0.80 -2.20
CA PHE A 112 12.38 -1.73 -2.70
C PHE A 112 11.66 -2.50 -1.61
N MET A 113 10.42 -2.87 -1.90
CA MET A 113 9.76 -3.95 -1.20
C MET A 113 10.21 -5.20 -1.93
N VAL A 114 10.67 -6.20 -1.20
CA VAL A 114 11.18 -7.40 -1.83
C VAL A 114 10.35 -8.66 -1.55
N ILE A 115 9.93 -9.31 -2.62
CA ILE A 115 9.39 -10.65 -2.49
C ILE A 115 10.53 -11.63 -2.73
N ALA A 116 11.02 -12.23 -1.66
CA ALA A 116 12.16 -13.14 -1.77
C ALA A 116 11.67 -14.59 -1.74
N CYS A 117 11.98 -15.33 -2.80
CA CYS A 117 11.48 -16.68 -2.91
C CYS A 117 12.47 -17.69 -2.36
N ILE A 118 11.95 -18.66 -1.64
CA ILE A 118 12.73 -19.80 -1.15
C ILE A 118 11.91 -21.04 -1.47
N GLY A 119 12.55 -22.21 -1.47
CA GLY A 119 11.84 -23.42 -1.78
C GLY A 119 12.76 -24.56 -2.09
N GLU A 120 12.31 -25.78 -1.84
CA GLU A 120 13.16 -26.94 -2.05
C GLU A 120 12.75 -27.72 -3.29
N THR A 121 13.67 -28.50 -3.83
CA THR A 121 13.38 -29.33 -4.99
C THR A 121 12.67 -30.63 -4.59
N LEU A 122 12.20 -31.36 -5.58
CA LEU A 122 11.62 -32.67 -5.36
C LEU A 122 12.56 -33.57 -4.56
N GLN A 123 13.81 -33.70 -5.01
CA GLN A 123 14.77 -34.55 -4.32
C GLN A 123 15.02 -34.11 -2.88
N GLU A 124 15.03 -32.81 -2.64
CA GLU A 124 15.25 -32.32 -1.28
C GLU A 124 14.04 -32.61 -0.40
N ARG A 125 12.85 -32.42 -0.94
CA ARG A 125 11.64 -32.74 -0.20
C ARG A 125 11.56 -34.25 0.08
N GLU A 126 11.82 -35.04 -0.95
CA GLU A 126 11.71 -36.50 -0.82
C GLU A 126 12.68 -37.07 0.20
N SER A 127 13.89 -36.51 0.24
CA SER A 127 14.93 -36.97 1.15
C SER A 127 14.81 -36.37 2.55
N GLY A 128 13.68 -35.69 2.79
CA GLY A 128 13.41 -35.12 4.10
C GLY A 128 14.17 -33.84 4.45
N ARG A 129 14.67 -33.14 3.44
CA ARG A 129 15.51 -31.97 3.70
C ARG A 129 14.87 -30.63 3.38
N THR A 130 13.54 -30.61 3.34
CA THR A 130 12.81 -29.38 3.09
C THR A 130 13.29 -28.31 4.07
N ALA A 131 13.30 -28.67 5.35
CA ALA A 131 13.60 -27.70 6.40
C ALA A 131 15.01 -27.13 6.28
N VAL A 132 16.02 -27.99 6.23
CA VAL A 132 17.39 -27.49 6.16
C VAL A 132 17.65 -26.68 4.88
N VAL A 133 17.11 -27.10 3.75
CA VAL A 133 17.25 -26.33 2.52
C VAL A 133 16.57 -24.97 2.62
N VAL A 134 15.29 -24.99 2.95
CA VAL A 134 14.51 -23.76 2.97
C VAL A 134 15.03 -22.76 4.00
N LEU A 135 15.31 -23.25 5.20
CA LEU A 135 15.78 -22.38 6.26
C LEU A 135 17.20 -21.87 5.99
N THR A 136 18.02 -22.70 5.38
CA THR A 136 19.33 -22.22 4.98
C THR A 136 19.23 -21.09 3.95
N GLN A 137 18.26 -21.19 3.05
CA GLN A 137 18.05 -20.15 2.05
C GLN A 137 17.66 -18.81 2.69
N ILE A 138 16.72 -18.86 3.62
CA ILE A 138 16.29 -17.63 4.28
C ILE A 138 17.33 -17.14 5.30
N ALA A 139 18.10 -18.06 5.88
CA ALA A 139 19.16 -17.65 6.80
C ALA A 139 20.19 -16.84 6.03
N ALA A 140 20.42 -17.22 4.78
CA ALA A 140 21.35 -16.48 3.92
C ALA A 140 20.82 -15.09 3.67
N ILE A 141 19.51 -15.00 3.44
CA ILE A 141 18.89 -13.71 3.25
C ILE A 141 18.98 -12.88 4.51
N ALA A 142 18.65 -13.48 5.65
CA ALA A 142 18.66 -12.75 6.93
C ALA A 142 20.04 -12.19 7.28
N LYS A 143 21.08 -12.94 6.93
CA LYS A 143 22.45 -12.58 7.26
C LYS A 143 22.83 -11.22 6.68
N LYS A 144 22.23 -10.88 5.55
CA LYS A 144 22.52 -9.64 4.86
C LYS A 144 21.53 -8.52 5.24
N LEU A 145 20.56 -8.82 6.09
CA LEU A 145 19.58 -7.80 6.47
C LEU A 145 19.68 -7.43 7.92
N LYS A 146 19.20 -6.24 8.26
CA LYS A 146 19.04 -5.89 9.66
C LYS A 146 17.56 -5.95 9.97
N LYS A 147 17.23 -6.03 11.24
CA LYS A 147 15.87 -6.29 11.67
C LYS A 147 14.86 -5.39 10.98
N ALA A 148 15.17 -4.09 10.94
CA ALA A 148 14.25 -3.11 10.39
C ALA A 148 13.89 -3.38 8.93
N ASP A 149 14.77 -4.09 8.24
CA ASP A 149 14.62 -4.36 6.81
C ASP A 149 13.48 -5.30 6.54
N TRP A 150 13.09 -6.07 7.55
CA TRP A 150 12.06 -7.08 7.33
C TRP A 150 10.71 -6.44 7.05
N ALA A 151 10.60 -5.15 7.38
CA ALA A 151 9.41 -4.38 7.03
C ALA A 151 9.26 -4.33 5.51
N LYS A 152 10.38 -4.52 4.82
CA LYS A 152 10.38 -4.42 3.37
C LYS A 152 10.47 -5.79 2.72
N VAL A 153 10.41 -6.84 3.52
CA VAL A 153 10.56 -8.19 3.00
C VAL A 153 9.27 -8.99 3.05
N VAL A 154 9.04 -9.72 1.97
CA VAL A 154 7.94 -10.67 1.87
C VAL A 154 8.60 -11.96 1.42
N ILE A 155 8.26 -13.06 2.07
CA ILE A 155 8.83 -14.35 1.69
C ILE A 155 7.80 -15.08 0.84
N ALA A 156 8.24 -15.62 -0.30
CA ALA A 156 7.41 -16.53 -1.08
C ALA A 156 7.99 -17.93 -0.95
N TYR A 157 7.19 -18.85 -0.43
CA TYR A 157 7.60 -20.25 -0.37
C TYR A 157 7.16 -20.93 -1.64
N GLU A 158 8.12 -21.43 -2.40
CA GLU A 158 7.91 -22.05 -3.68
C GLU A 158 8.20 -23.54 -3.60
N PRO A 159 7.16 -24.37 -3.60
CA PRO A 159 7.40 -25.81 -3.64
C PRO A 159 7.91 -26.16 -5.04
N VAL A 160 9.21 -26.00 -5.26
CA VAL A 160 9.79 -26.28 -6.56
C VAL A 160 9.41 -27.72 -6.86
N TRP A 161 9.42 -28.54 -5.81
CA TRP A 161 9.18 -29.98 -5.87
C TRP A 161 7.85 -30.36 -6.50
N ALA A 162 6.95 -29.40 -6.65
CA ALA A 162 5.63 -29.69 -7.16
C ALA A 162 5.50 -29.24 -8.61
N ILE A 163 6.56 -28.68 -9.15
CA ILE A 163 6.49 -28.10 -10.50
C ILE A 163 7.05 -29.05 -11.56
N GLY A 164 6.17 -29.54 -12.42
CA GLY A 164 6.56 -30.44 -13.49
C GLY A 164 7.22 -31.70 -13.00
N THR A 165 6.81 -32.13 -11.81
CA THR A 165 7.37 -33.33 -11.18
C THR A 165 6.32 -34.41 -11.03
N GLY A 166 5.05 -33.99 -11.09
CA GLY A 166 3.93 -34.91 -10.95
C GLY A 166 3.50 -35.06 -9.50
N LYS A 167 3.67 -33.99 -8.73
CA LYS A 167 3.29 -33.99 -7.32
C LYS A 167 2.40 -32.78 -7.02
N VAL A 168 1.53 -32.90 -6.02
CA VAL A 168 0.57 -31.85 -5.67
C VAL A 168 0.79 -31.30 -4.24
N ALA A 169 0.37 -30.06 -3.99
CA ALA A 169 0.61 -29.41 -2.70
C ALA A 169 -0.63 -29.23 -1.82
N THR A 170 -0.78 -30.08 -0.83
CA THR A 170 -1.94 -30.03 0.05
C THR A 170 -1.83 -28.86 1.01
N PRO A 171 -2.99 -28.36 1.48
CA PRO A 171 -3.01 -27.27 2.46
C PRO A 171 -2.12 -27.62 3.65
N GLN A 172 -2.09 -28.89 4.01
CA GLN A 172 -1.26 -29.36 5.11
C GLN A 172 0.22 -29.17 4.80
N GLN A 173 0.62 -29.52 3.58
CA GLN A 173 2.01 -29.39 3.18
C GLN A 173 2.43 -27.92 3.12
N ALA A 174 1.59 -27.10 2.52
CA ALA A 174 1.89 -25.68 2.44
C ALA A 174 1.95 -25.05 3.84
N GLN A 175 0.99 -25.39 4.69
CA GLN A 175 0.99 -24.85 6.04
C GLN A 175 2.23 -25.27 6.83
N GLU A 176 2.62 -26.52 6.66
CA GLU A 176 3.83 -27.00 7.33
C GLU A 176 5.04 -26.17 6.92
N ALA A 177 5.17 -25.95 5.61
CA ALA A 177 6.31 -25.21 5.09
C ALA A 177 6.28 -23.78 5.62
N HIS A 178 5.12 -23.12 5.47
CA HIS A 178 4.98 -21.76 5.94
C HIS A 178 5.23 -21.65 7.44
N ALA A 179 4.77 -22.65 8.20
CA ALA A 179 4.91 -22.58 9.66
C ALA A 179 6.36 -22.69 10.06
N LEU A 180 7.11 -23.53 9.38
CA LEU A 180 8.50 -23.71 9.76
C LEU A 180 9.30 -22.47 9.43
N ILE A 181 9.01 -21.83 8.30
CA ILE A 181 9.61 -20.54 7.98
C ILE A 181 9.26 -19.52 9.05
N ARG A 182 7.99 -19.42 9.40
CA ARG A 182 7.63 -18.39 10.38
C ARG A 182 8.28 -18.65 11.73
N SER A 183 8.32 -19.93 12.13
CA SER A 183 8.94 -20.30 13.39
C SER A 183 10.43 -19.95 13.39
N TRP A 184 11.09 -20.13 12.26
CA TRP A 184 12.49 -19.74 12.16
C TRP A 184 12.66 -18.21 12.26
N VAL A 185 11.80 -17.47 11.54
CA VAL A 185 11.81 -16.02 11.65
C VAL A 185 11.54 -15.58 13.08
N SER A 186 10.57 -16.21 13.73
CA SER A 186 10.26 -15.86 15.11
C SER A 186 11.48 -16.07 16.01
N SER A 187 12.12 -17.23 15.89
CA SER A 187 13.27 -17.56 16.73
C SER A 187 14.48 -16.69 16.43
N LYS A 188 14.80 -16.54 15.16
CA LYS A 188 16.06 -15.92 14.76
C LYS A 188 15.95 -14.41 14.55
N ILE A 189 14.77 -13.93 14.19
CA ILE A 189 14.66 -12.50 13.90
C ILE A 189 13.85 -11.79 14.97
N GLY A 190 12.77 -12.44 15.42
CA GLY A 190 11.91 -11.89 16.44
C GLY A 190 10.45 -12.21 16.14
N ALA A 191 9.65 -12.38 17.19
CA ALA A 191 8.25 -12.74 17.02
C ALA A 191 7.43 -11.58 16.47
N ASP A 192 7.90 -10.37 16.74
CA ASP A 192 7.26 -9.19 16.20
C ASP A 192 7.38 -9.20 14.67
N VAL A 193 8.58 -9.45 14.18
CA VAL A 193 8.80 -9.57 12.73
C VAL A 193 8.00 -10.71 12.13
N ALA A 194 8.04 -11.87 12.79
CA ALA A 194 7.37 -13.05 12.27
C ALA A 194 5.87 -12.79 12.19
N GLY A 195 5.36 -12.01 13.13
CA GLY A 195 3.94 -11.70 13.16
C GLY A 195 3.49 -10.87 11.98
N GLU A 196 4.36 -9.97 11.52
CA GLU A 196 4.02 -9.04 10.44
C GLU A 196 4.41 -9.60 9.07
N LEU A 197 5.24 -10.62 9.07
CA LEU A 197 5.80 -11.13 7.84
C LEU A 197 4.75 -11.79 6.97
N ARG A 198 4.65 -11.34 5.72
CA ARG A 198 3.83 -12.06 4.76
C ARG A 198 4.61 -13.22 4.19
N ILE A 199 4.06 -14.42 4.33
CA ILE A 199 4.61 -15.61 3.67
C ILE A 199 3.62 -16.08 2.64
N LEU A 200 4.02 -15.99 1.37
CA LEU A 200 3.14 -16.32 0.27
C LEU A 200 3.40 -17.73 -0.23
N TYR A 201 2.34 -18.43 -0.59
CA TYR A 201 2.52 -19.71 -1.22
C TYR A 201 2.78 -19.48 -2.69
N GLY A 202 3.87 -20.06 -3.20
CA GLY A 202 4.34 -19.76 -4.54
C GLY A 202 4.27 -20.90 -5.53
N GLY A 203 3.48 -21.93 -5.21
CA GLY A 203 3.30 -23.05 -6.12
C GLY A 203 2.10 -22.83 -7.01
N SER A 204 2.05 -23.58 -8.11
CA SER A 204 0.93 -23.52 -9.03
C SER A 204 -0.37 -23.59 -8.25
N VAL A 205 -1.24 -22.62 -8.48
CA VAL A 205 -2.44 -22.52 -7.70
C VAL A 205 -3.58 -22.03 -8.59
N ASN A 206 -4.78 -22.53 -8.36
CA ASN A 206 -5.96 -22.03 -9.05
C ASN A 206 -6.94 -21.45 -8.05
N GLY A 207 -8.06 -20.91 -8.54
CA GLY A 207 -9.03 -20.25 -7.67
C GLY A 207 -9.41 -21.07 -6.44
N LYS A 208 -9.85 -22.30 -6.68
CA LYS A 208 -10.34 -23.17 -5.61
C LYS A 208 -9.28 -23.50 -4.58
N ASN A 209 -8.16 -24.04 -5.04
CA ASN A 209 -7.16 -24.49 -4.09
C ASN A 209 -6.52 -23.30 -3.37
N ALA A 210 -6.50 -22.14 -4.03
CA ALA A 210 -5.99 -20.92 -3.41
C ALA A 210 -6.84 -20.55 -2.19
N ARG A 211 -8.15 -20.53 -2.37
CA ARG A 211 -9.03 -20.17 -1.27
C ARG A 211 -8.82 -21.11 -0.08
N THR A 212 -8.63 -22.39 -0.36
CA THR A 212 -8.37 -23.34 0.71
C THR A 212 -7.02 -23.11 1.39
N LEU A 213 -5.97 -22.97 0.58
CA LEU A 213 -4.65 -22.66 1.09
C LEU A 213 -4.67 -21.41 1.97
N TYR A 214 -5.35 -20.39 1.50
CA TYR A 214 -5.35 -19.14 2.24
C TYR A 214 -5.92 -19.31 3.66
N GLN A 215 -6.76 -20.32 3.86
CA GLN A 215 -7.37 -20.50 5.18
C GLN A 215 -6.35 -21.00 6.19
N GLN A 216 -5.19 -21.43 5.71
CA GLN A 216 -4.16 -21.92 6.62
C GLN A 216 -3.58 -20.78 7.44
N ARG A 217 -3.21 -21.09 8.68
CA ARG A 217 -2.73 -20.09 9.63
C ARG A 217 -1.58 -19.24 9.09
N ASP A 218 -0.64 -19.88 8.40
CA ASP A 218 0.60 -19.16 8.09
C ASP A 218 0.73 -18.74 6.63
N VAL A 219 -0.38 -18.77 5.92
CA VAL A 219 -0.40 -18.41 4.50
C VAL A 219 -0.94 -17.00 4.36
N ASN A 220 -0.17 -16.09 3.76
CA ASN A 220 -0.57 -14.68 3.67
C ASN A 220 -0.81 -14.24 2.24
N GLY A 221 -1.00 -15.21 1.36
CA GLY A 221 -1.35 -14.90 -0.01
C GLY A 221 -0.53 -15.74 -0.96
N PHE A 222 -0.30 -15.20 -2.15
CA PHE A 222 0.19 -16.05 -3.23
C PHE A 222 1.17 -15.35 -4.14
N LEU A 223 2.08 -16.15 -4.68
CA LEU A 223 2.88 -15.73 -5.82
C LEU A 223 2.48 -16.69 -6.91
N ALA A 224 1.71 -16.23 -7.89
CA ALA A 224 1.13 -17.16 -8.87
C ALA A 224 1.35 -16.69 -10.29
N GLY A 225 0.66 -17.34 -11.23
CA GLY A 225 0.82 -17.00 -12.63
C GLY A 225 0.02 -15.78 -13.04
N LEU A 226 0.61 -14.98 -13.91
CA LEU A 226 -0.06 -13.85 -14.51
C LEU A 226 -1.04 -14.40 -15.54
N LYS A 227 -2.25 -14.70 -15.08
CA LYS A 227 -3.26 -15.35 -15.89
C LYS A 227 -4.60 -14.82 -15.43
N PRO A 228 -5.63 -14.96 -16.27
CA PRO A 228 -6.96 -14.46 -15.91
C PRO A 228 -7.45 -15.02 -14.58
N GLU A 229 -7.01 -16.23 -14.23
CA GLU A 229 -7.39 -16.87 -12.98
CA GLU A 229 -7.46 -16.82 -12.98
C GLU A 229 -6.84 -16.11 -11.78
N PHE A 230 -5.92 -15.19 -12.04
CA PHE A 230 -5.30 -14.44 -10.96
C PHE A 230 -6.36 -13.67 -10.17
N VAL A 231 -7.38 -13.21 -10.86
CA VAL A 231 -8.50 -12.54 -10.20
C VAL A 231 -9.10 -13.42 -9.11
N ASP A 232 -9.16 -14.73 -9.37
CA ASP A 232 -9.66 -15.66 -8.36
C ASP A 232 -8.66 -15.81 -7.22
N ILE A 233 -7.39 -15.81 -7.54
CA ILE A 233 -6.36 -15.88 -6.50
C ILE A 233 -6.48 -14.66 -5.57
N ILE A 234 -6.64 -13.48 -6.16
CA ILE A 234 -6.87 -12.26 -5.37
C ILE A 234 -8.08 -12.43 -4.45
N LYS A 235 -9.18 -12.90 -5.01
CA LYS A 235 -10.41 -13.04 -4.24
C LYS A 235 -10.22 -14.11 -3.17
N ALA A 236 -9.26 -14.99 -3.39
CA ALA A 236 -8.98 -16.07 -2.46
C ALA A 236 -8.32 -15.56 -1.18
N THR A 237 -7.82 -14.33 -1.19
CA THR A 237 -7.04 -13.85 -0.05
C THR A 237 -7.90 -13.28 1.06
N GLN A 238 -8.90 -14.04 1.44
CA GLN A 238 -9.74 -13.68 2.58
C GLN A 238 -10.28 -14.97 3.15
N SER B 1 10.14 10.52 -9.61
CA SER B 1 8.81 9.98 -9.86
C SER B 1 7.94 10.18 -8.61
N LYS B 2 6.74 10.71 -8.78
CA LYS B 2 5.85 10.88 -7.62
C LYS B 2 5.28 9.54 -7.18
N PRO B 3 5.01 9.41 -5.88
CA PRO B 3 4.31 8.20 -5.44
C PRO B 3 2.91 8.19 -6.02
N GLN B 4 2.24 7.07 -5.90
CA GLN B 4 0.86 6.94 -6.32
C GLN B 4 0.02 8.06 -5.70
N PRO B 5 -0.71 8.82 -6.53
CA PRO B 5 -1.50 9.91 -5.97
C PRO B 5 -2.75 9.37 -5.35
N ILE B 6 -3.38 10.21 -4.54
CA ILE B 6 -4.61 9.88 -3.88
C ILE B 6 -5.56 11.03 -4.10
N ALA B 7 -6.80 10.71 -4.44
CA ALA B 7 -7.87 11.69 -4.54
C ALA B 7 -8.90 11.25 -3.52
N ALA B 8 -9.03 12.00 -2.43
CA ALA B 8 -9.92 11.63 -1.34
C ALA B 8 -11.03 12.68 -1.21
N ALA B 9 -12.26 12.19 -1.11
CA ALA B 9 -13.43 13.05 -0.95
C ALA B 9 -13.97 12.84 0.44
N ASN B 10 -14.16 13.93 1.14
CA ASN B 10 -14.47 13.89 2.54
C ASN B 10 -15.92 14.32 2.64
N TRP B 11 -16.81 13.40 2.96
CA TRP B 11 -18.22 13.76 3.08
C TRP B 11 -18.40 14.62 4.32
N LYS B 12 -19.26 15.63 4.21
CA LYS B 12 -19.61 16.46 5.34
C LYS B 12 -21.12 16.73 5.32
N SER B 13 -21.70 16.92 6.49
CA SER B 13 -23.14 17.12 6.61
C SER B 13 -23.59 18.41 5.95
N GLY B 14 -24.84 18.44 5.52
CA GLY B 14 -25.42 19.63 4.94
C GLY B 14 -25.15 19.79 3.44
N SER B 15 -24.66 18.73 2.82
CA SER B 15 -24.46 18.74 1.39
C SER B 15 -25.81 18.94 0.70
N PRO B 16 -25.82 19.63 -0.46
CA PRO B 16 -27.05 19.74 -1.25
C PRO B 16 -27.23 18.55 -2.18
N ASP B 17 -26.17 17.75 -2.33
CA ASP B 17 -26.22 16.56 -3.17
C ASP B 17 -26.64 15.34 -2.35
N SER B 18 -27.15 14.33 -3.06
CA SER B 18 -27.42 13.03 -2.46
C SER B 18 -26.13 12.23 -2.46
N LEU B 19 -25.76 11.64 -1.33
CA LEU B 19 -24.53 10.84 -1.30
C LEU B 19 -24.61 9.65 -2.25
N SER B 20 -25.76 8.98 -2.26
CA SER B 20 -25.99 7.86 -3.16
C SER B 20 -25.86 8.27 -4.62
N GLU B 21 -26.37 9.46 -4.97
CA GLU B 21 -26.24 9.95 -6.34
C GLU B 21 -24.79 10.25 -6.71
N LEU B 22 -24.03 10.77 -5.76
CA LEU B 22 -22.62 11.02 -6.01
C LEU B 22 -21.86 9.71 -6.18
N ILE B 23 -22.18 8.74 -5.35
CA ILE B 23 -21.56 7.43 -5.47
C ILE B 23 -21.90 6.83 -6.84
N ASP B 24 -23.15 6.95 -7.28
CA ASP B 24 -23.50 6.58 -8.65
C ASP B 24 -22.63 7.28 -9.68
N LEU B 25 -22.43 8.58 -9.50
CA LEU B 25 -21.60 9.36 -10.40
C LEU B 25 -20.20 8.77 -10.42
N PHE B 26 -19.65 8.50 -9.23
CA PHE B 26 -18.28 8.00 -9.14
C PHE B 26 -18.17 6.61 -9.76
N ASN B 27 -19.12 5.72 -9.46
CA ASN B 27 -19.16 4.41 -10.11
C ASN B 27 -19.18 4.50 -11.63
N SER B 28 -19.83 5.52 -12.17
CA SER B 28 -19.95 5.60 -13.63
C SER B 28 -18.72 6.24 -14.26
N THR B 29 -17.84 6.80 -13.43
CA THR B 29 -16.71 7.57 -13.90
C THR B 29 -15.59 6.67 -14.43
N SER B 30 -15.09 7.01 -15.62
CA SER B 30 -13.94 6.31 -16.19
C SER B 30 -12.67 6.98 -15.68
N ILE B 31 -11.80 6.20 -15.05
CA ILE B 31 -10.53 6.71 -14.56
C ILE B 31 -9.47 5.74 -15.05
N ASN B 32 -8.53 6.22 -15.85
CA ASN B 32 -7.60 5.30 -16.50
C ASN B 32 -6.14 5.44 -16.10
N HIS B 33 -5.91 6.21 -15.04
CA HIS B 33 -4.57 6.30 -14.48
C HIS B 33 -4.57 5.79 -13.03
N ASP B 34 -3.39 5.43 -12.55
CA ASP B 34 -3.27 4.91 -11.21
C ASP B 34 -3.44 6.03 -10.20
N VAL B 35 -4.64 6.12 -9.62
CA VAL B 35 -4.86 7.00 -8.49
C VAL B 35 -5.75 6.22 -7.53
N GLN B 36 -5.42 6.27 -6.24
CA GLN B 36 -6.29 5.69 -5.23
C GLN B 36 -7.36 6.73 -4.90
N CYS B 37 -8.59 6.42 -5.25
CA CYS B 37 -9.71 7.27 -4.90
C CYS B 37 -10.29 6.78 -3.58
N VAL B 38 -10.65 7.72 -2.73
CA VAL B 38 -11.14 7.41 -1.40
C VAL B 38 -12.40 8.21 -1.15
N VAL B 39 -13.41 7.54 -0.62
CA VAL B 39 -14.62 8.24 -0.25
C VAL B 39 -14.75 8.07 1.24
N ALA B 40 -14.51 9.15 1.98
CA ALA B 40 -14.56 9.08 3.42
C ALA B 40 -15.96 9.47 3.84
N SER B 41 -16.62 8.57 4.55
CA SER B 41 -18.01 8.78 4.88
C SER B 41 -18.18 8.89 6.38
N THR B 42 -19.20 9.63 6.79
CA THR B 42 -19.56 9.63 8.20
C THR B 42 -20.09 8.25 8.53
N PHE B 43 -20.04 7.88 9.80
CA PHE B 43 -20.40 6.53 10.23
C PHE B 43 -21.79 6.11 9.75
N VAL B 44 -22.76 7.02 9.86
CA VAL B 44 -24.13 6.65 9.49
C VAL B 44 -24.20 6.17 8.04
N HIS B 45 -23.38 6.75 7.17
CA HIS B 45 -23.46 6.43 5.75
C HIS B 45 -22.51 5.34 5.27
N LEU B 46 -21.76 4.75 6.20
CA LEU B 46 -20.80 3.72 5.83
C LEU B 46 -21.49 2.49 5.25
N ALA B 47 -22.57 2.04 5.88
CA ALA B 47 -23.32 0.90 5.36
C ALA B 47 -23.69 1.12 3.91
N MET B 48 -24.31 2.26 3.63
CA MET B 48 -24.77 2.53 2.28
C MET B 48 -23.60 2.63 1.29
N THR B 49 -22.57 3.37 1.69
CA THR B 49 -21.38 3.54 0.87
C THR B 49 -20.74 2.19 0.53
N LYS B 50 -20.63 1.31 1.52
CA LYS B 50 -20.01 0.02 1.28
C LYS B 50 -20.82 -0.78 0.28
N GLU B 51 -22.14 -0.73 0.43
CA GLU B 51 -23.01 -1.46 -0.46
C GLU B 51 -22.97 -0.88 -1.88
N ARG B 52 -22.98 0.45 -1.98
CA ARG B 52 -23.21 1.12 -3.26
C ARG B 52 -21.94 1.39 -4.07
N LEU B 53 -20.84 1.73 -3.38
CA LEU B 53 -19.58 2.05 -4.05
C LEU B 53 -18.94 0.80 -4.63
N SER B 54 -18.69 0.79 -5.94
CA SER B 54 -18.16 -0.42 -6.56
C SER B 54 -16.96 -0.15 -7.45
N HIS B 55 -16.67 1.11 -7.72
CA HIS B 55 -15.60 1.44 -8.63
C HIS B 55 -14.25 0.82 -8.22
N PRO B 56 -13.60 0.09 -9.14
CA PRO B 56 -12.32 -0.57 -8.80
C PRO B 56 -11.27 0.36 -8.21
N LYS B 57 -11.32 1.64 -8.55
CA LYS B 57 -10.29 2.56 -8.11
C LYS B 57 -10.63 3.26 -6.79
N PHE B 58 -11.79 2.93 -6.23
CA PHE B 58 -12.24 3.58 -4.99
C PHE B 58 -12.15 2.67 -3.78
N VAL B 59 -11.85 3.27 -2.63
CA VAL B 59 -11.97 2.56 -1.37
C VAL B 59 -12.77 3.45 -0.45
N ILE B 60 -13.40 2.84 0.55
CA ILE B 60 -14.15 3.60 1.52
C ILE B 60 -13.25 3.93 2.68
N ALA B 61 -13.42 5.12 3.25
CA ALA B 61 -12.71 5.50 4.45
C ALA B 61 -13.72 5.90 5.51
N ALA B 62 -13.40 5.63 6.77
CA ALA B 62 -14.15 6.20 7.89
C ALA B 62 -13.54 7.53 8.26
N GLN B 63 -14.10 8.17 9.28
CA GLN B 63 -13.62 9.46 9.74
C GLN B 63 -13.57 9.46 11.27
N ASN B 64 -12.45 9.91 11.83
CA ASN B 64 -12.40 10.30 13.24
C ASN B 64 -12.57 9.21 14.29
N ALA B 65 -12.77 7.96 13.89
CA ALA B 65 -12.82 6.90 14.88
C ALA B 65 -11.54 6.92 15.68
N GLY B 66 -11.66 6.77 16.99
CA GLY B 66 -10.50 6.82 17.86
C GLY B 66 -10.46 5.71 18.87
N ASN B 67 -11.54 4.94 18.94
CA ASN B 67 -11.65 3.87 19.92
C ASN B 67 -11.17 2.56 19.30
N ALA B 68 -10.32 1.83 20.01
CA ALA B 68 -9.67 0.66 19.44
C ALA B 68 -10.70 -0.39 19.00
N ASP B 69 -11.74 -0.57 19.80
CA ASP B 69 -12.79 -1.51 19.43
C ASP B 69 -13.52 -1.05 18.17
N ALA B 70 -13.79 0.26 18.07
CA ALA B 70 -14.49 0.81 16.92
C ALA B 70 -13.66 0.64 15.65
N LEU B 71 -12.35 0.80 15.78
CA LEU B 71 -11.44 0.66 14.65
C LEU B 71 -11.44 -0.79 14.18
N ALA B 72 -11.37 -1.71 15.13
CA ALA B 72 -11.39 -3.13 14.80
C ALA B 72 -12.70 -3.48 14.12
N SER B 73 -13.78 -2.88 14.60
CA SER B 73 -15.09 -3.12 14.01
C SER B 73 -15.14 -2.60 12.58
N LEU B 74 -14.60 -1.41 12.37
CA LEU B 74 -14.49 -0.85 11.03
C LEU B 74 -13.68 -1.78 10.14
N LYS B 75 -12.54 -2.24 10.64
CA LYS B 75 -11.74 -3.20 9.87
C LYS B 75 -12.58 -4.42 9.48
N ASP B 76 -13.24 -5.03 10.45
CA ASP B 76 -14.07 -6.20 10.18
C ASP B 76 -15.15 -5.90 9.16
N PHE B 77 -15.58 -4.64 9.15
CA PHE B 77 -16.63 -4.21 8.24
C PHE B 77 -16.11 -4.06 6.82
N GLY B 78 -14.79 -4.06 6.66
CA GLY B 78 -14.18 -3.91 5.34
C GLY B 78 -13.62 -2.53 5.06
N VAL B 79 -13.58 -1.68 6.09
CA VAL B 79 -13.05 -0.34 5.94
C VAL B 79 -11.60 -0.33 6.36
N ASN B 80 -10.73 0.07 5.45
CA ASN B 80 -9.29 -0.02 5.63
C ASN B 80 -8.61 1.34 5.66
N TRP B 81 -9.39 2.39 5.42
CA TRP B 81 -8.85 3.73 5.37
C TRP B 81 -9.61 4.60 6.34
N ILE B 82 -8.92 5.60 6.86
CA ILE B 82 -9.56 6.53 7.78
C ILE B 82 -8.96 7.93 7.64
N VAL B 83 -9.82 8.94 7.77
CA VAL B 83 -9.37 10.34 7.80
C VAL B 83 -9.46 10.83 9.23
N LEU B 84 -8.37 11.41 9.71
CA LEU B 84 -8.26 11.89 11.08
C LEU B 84 -7.67 13.29 11.13
N GLY B 85 -8.04 14.05 12.16
CA GLY B 85 -7.42 15.34 12.41
C GLY B 85 -7.92 16.45 11.52
N HIS B 86 -9.01 16.19 10.80
CA HIS B 86 -9.54 17.20 9.90
C HIS B 86 -9.88 18.45 10.70
N SER B 87 -9.82 19.60 10.04
CA SER B 87 -9.86 20.91 10.67
C SER B 87 -10.82 21.04 11.83
N GLU B 88 -12.09 20.78 11.58
CA GLU B 88 -13.09 21.01 12.63
C GLU B 88 -12.87 20.12 13.86
N ARG B 89 -12.22 18.96 13.68
CA ARG B 89 -11.94 18.10 14.82
C ARG B 89 -11.11 18.91 15.77
N ARG B 90 -10.25 19.72 15.19
CA ARG B 90 -9.28 20.46 15.98
C ARG B 90 -9.91 21.74 16.55
N TRP B 91 -10.51 22.55 15.69
CA TRP B 91 -10.96 23.87 16.11
C TRP B 91 -12.34 23.86 16.76
N TYR B 92 -13.10 22.80 16.57
CA TYR B 92 -14.42 22.71 17.21
C TYR B 92 -14.48 21.61 18.26
N TYR B 93 -14.10 20.39 17.87
CA TYR B 93 -14.21 19.25 18.79
C TYR B 93 -13.09 19.20 19.81
N GLY B 94 -12.10 20.07 19.65
CA GLY B 94 -11.02 20.16 20.61
C GLY B 94 -10.07 18.98 20.54
N GLU B 95 -9.96 18.35 19.38
CA GLU B 95 -8.94 17.32 19.22
C GLU B 95 -7.60 18.02 19.12
N THR B 96 -6.80 17.88 20.18
CA THR B 96 -5.47 18.45 20.24
C THR B 96 -4.51 17.65 19.36
N ASN B 97 -3.32 18.21 19.12
CA ASN B 97 -2.26 17.50 18.39
C ASN B 97 -2.06 16.10 18.90
N GLU B 98 -2.06 15.95 20.22
CA GLU B 98 -1.81 14.68 20.84
C GLU B 98 -2.97 13.72 20.66
N ILE B 99 -4.19 14.25 20.74
CA ILE B 99 -5.35 13.40 20.58
C ILE B 99 -5.35 12.87 19.16
N VAL B 100 -5.14 13.77 18.19
CA VAL B 100 -5.03 13.35 16.80
C VAL B 100 -3.96 12.28 16.63
N ALA B 101 -2.77 12.54 17.18
CA ALA B 101 -1.66 11.61 17.03
C ALA B 101 -2.08 10.25 17.58
N ASP B 102 -2.75 10.26 18.72
CA ASP B 102 -3.18 9.02 19.33
C ASP B 102 -4.16 8.27 18.44
N LYS B 103 -5.08 8.98 17.80
CA LYS B 103 -6.01 8.30 16.90
C LYS B 103 -5.23 7.73 15.70
N VAL B 104 -4.29 8.50 15.19
CA VAL B 104 -3.50 8.04 14.05
C VAL B 104 -2.78 6.75 14.43
N ALA B 105 -2.15 6.75 15.60
CA ALA B 105 -1.44 5.56 16.09
C ALA B 105 -2.40 4.37 16.28
N ALA B 106 -3.53 4.61 16.93
CA ALA B 106 -4.53 3.55 17.08
C ALA B 106 -4.95 3.01 15.72
N ALA B 107 -5.18 3.89 14.76
CA ALA B 107 -5.62 3.44 13.44
C ALA B 107 -4.54 2.62 12.73
N VAL B 108 -3.30 3.09 12.79
CA VAL B 108 -2.21 2.34 12.16
C VAL B 108 -2.07 0.97 12.81
N ALA B 109 -2.13 0.93 14.14
CA ALA B 109 -2.08 -0.32 14.89
C ALA B 109 -3.20 -1.25 14.45
N SER B 110 -4.38 -0.70 14.19
CA SER B 110 -5.54 -1.49 13.79
C SER B 110 -5.50 -1.85 12.31
N GLY B 111 -4.39 -1.54 11.65
CA GLY B 111 -4.22 -1.92 10.26
C GLY B 111 -4.87 -1.00 9.23
N PHE B 112 -5.00 0.28 9.57
CA PHE B 112 -5.56 1.24 8.63
C PHE B 112 -4.51 1.96 7.80
N MET B 113 -4.93 2.41 6.61
CA MET B 113 -4.24 3.47 5.90
C MET B 113 -4.85 4.71 6.48
N VAL B 114 -4.03 5.69 6.82
CA VAL B 114 -4.52 6.87 7.53
C VAL B 114 -4.20 8.15 6.78
N ILE B 115 -5.23 8.93 6.53
CA ILE B 115 -5.03 10.27 6.01
C ILE B 115 -5.10 11.19 7.22
N ALA B 116 -3.93 11.67 7.66
CA ALA B 116 -3.87 12.55 8.83
C ALA B 116 -3.81 13.98 8.37
N CYS B 117 -4.72 14.81 8.86
CA CYS B 117 -4.82 16.17 8.38
C CYS B 117 -4.05 17.10 9.29
N ILE B 118 -3.33 18.03 8.69
CA ILE B 118 -2.64 19.07 9.45
C ILE B 118 -2.83 20.37 8.71
N GLY B 119 -2.58 21.49 9.37
CA GLY B 119 -2.73 22.77 8.69
C GLY B 119 -3.03 23.91 9.64
N GLU B 120 -2.72 25.12 9.21
CA GLU B 120 -2.74 26.29 10.07
C GLU B 120 -4.00 27.12 9.82
N THR B 121 -4.37 27.91 10.82
CA THR B 121 -5.51 28.80 10.68
C THR B 121 -5.07 30.08 9.99
N LEU B 122 -6.04 30.91 9.64
CA LEU B 122 -5.72 32.19 9.05
C LEU B 122 -4.86 33.02 10.02
N GLN B 123 -5.26 33.02 11.28
CA GLN B 123 -4.52 33.79 12.29
C GLN B 123 -3.07 33.31 12.34
N GLU B 124 -2.88 32.00 12.33
CA GLU B 124 -1.54 31.42 12.33
C GLU B 124 -0.77 31.76 11.06
N ARG B 125 -1.42 31.66 9.90
CA ARG B 125 -0.77 32.02 8.65
C ARG B 125 -0.36 33.50 8.67
N GLU B 126 -1.28 34.38 9.06
CA GLU B 126 -0.98 35.80 8.99
C GLU B 126 0.02 36.25 10.04
N SER B 127 0.22 35.44 11.08
CA SER B 127 1.20 35.78 12.11
C SER B 127 2.54 35.09 11.89
N GLY B 128 2.72 34.51 10.71
CA GLY B 128 3.99 33.91 10.35
C GLY B 128 4.23 32.58 11.04
N ARG B 129 3.17 31.97 11.56
CA ARG B 129 3.33 30.77 12.35
C ARG B 129 2.97 29.48 11.62
N THR B 130 2.87 29.55 10.30
CA THR B 130 2.52 28.37 9.52
C THR B 130 3.48 27.23 9.79
N ALA B 131 4.78 27.48 9.66
CA ALA B 131 5.75 26.41 9.83
C ALA B 131 5.71 25.80 11.24
N VAL B 132 5.80 26.63 12.27
CA VAL B 132 5.75 26.07 13.62
C VAL B 132 4.47 25.25 13.83
N VAL B 133 3.35 25.77 13.35
CA VAL B 133 2.09 25.04 13.52
C VAL B 133 2.10 23.68 12.82
N VAL B 134 2.39 23.67 11.52
CA VAL B 134 2.30 22.42 10.77
C VAL B 134 3.34 21.40 11.20
N LEU B 135 4.53 21.87 11.55
CA LEU B 135 5.58 20.96 11.98
C LEU B 135 5.29 20.44 13.38
N THR B 136 4.63 21.26 14.20
CA THR B 136 4.25 20.78 15.53
C THR B 136 3.15 19.72 15.39
N GLN B 137 2.23 19.91 14.44
CA GLN B 137 1.16 18.94 14.27
C GLN B 137 1.68 17.58 13.81
N ILE B 138 2.56 17.60 12.82
CA ILE B 138 3.08 16.34 12.31
C ILE B 138 4.07 15.72 13.29
N ALA B 139 4.81 16.55 14.00
CA ALA B 139 5.75 16.02 14.99
C ALA B 139 4.99 15.21 16.03
N ALA B 140 3.83 15.70 16.44
CA ALA B 140 3.00 15.01 17.42
C ALA B 140 2.56 13.65 16.90
N ILE B 141 2.22 13.61 15.61
CA ILE B 141 1.86 12.34 14.98
C ILE B 141 3.07 11.40 14.94
N ALA B 142 4.21 11.90 14.48
CA ALA B 142 5.41 11.08 14.39
C ALA B 142 5.78 10.52 15.75
N LYS B 143 5.57 11.31 16.80
CA LYS B 143 5.93 10.90 18.15
C LYS B 143 5.29 9.57 18.54
N LYS B 144 4.08 9.32 18.04
CA LYS B 144 3.34 8.14 18.42
C LYS B 144 3.53 6.98 17.48
N LEU B 145 4.39 7.15 16.47
CA LEU B 145 4.59 6.12 15.47
C LEU B 145 6.03 5.64 15.46
N LYS B 146 6.25 4.49 14.83
CA LYS B 146 7.59 4.07 14.48
C LYS B 146 7.77 4.20 12.98
N LYS B 147 9.00 4.03 12.49
CA LYS B 147 9.27 4.31 11.09
C LYS B 147 8.41 3.49 10.13
N ALA B 148 8.31 2.19 10.39
CA ALA B 148 7.57 1.31 9.50
C ALA B 148 6.10 1.75 9.37
N ASP B 149 5.60 2.48 10.36
CA ASP B 149 4.19 2.88 10.33
C ASP B 149 3.89 3.82 9.18
N TRP B 150 4.91 4.56 8.75
CA TRP B 150 4.71 5.57 7.73
C TRP B 150 4.27 4.99 6.40
N ALA B 151 4.45 3.68 6.20
CA ALA B 151 3.89 3.05 5.00
C ALA B 151 2.36 3.11 5.02
N LYS B 152 1.77 3.37 6.18
CA LYS B 152 0.31 3.42 6.28
C LYS B 152 -0.19 4.84 6.48
N VAL B 153 0.72 5.81 6.38
CA VAL B 153 0.39 7.20 6.66
C VAL B 153 0.34 8.06 5.40
N VAL B 154 -0.73 8.83 5.27
CA VAL B 154 -0.84 9.86 4.26
C VAL B 154 -1.07 11.18 5.01
N ILE B 155 -0.44 12.25 4.55
CA ILE B 155 -0.63 13.56 5.16
C ILE B 155 -1.47 14.40 4.25
N ALA B 156 -2.55 14.97 4.80
CA ALA B 156 -3.27 16.00 4.07
C ALA B 156 -2.96 17.35 4.69
N TYR B 157 -2.39 18.25 3.89
CA TYR B 157 -2.17 19.61 4.34
C TYR B 157 -3.37 20.43 3.92
N GLU B 158 -4.09 20.94 4.91
CA GLU B 158 -5.23 21.79 4.60
C GLU B 158 -5.11 23.10 5.36
N PRO B 159 -4.84 24.20 4.64
CA PRO B 159 -4.87 25.48 5.33
C PRO B 159 -6.31 25.73 5.75
N VAL B 160 -6.57 25.86 7.04
CA VAL B 160 -7.94 26.03 7.52
C VAL B 160 -8.64 27.19 6.82
N TRP B 161 -7.89 28.25 6.54
CA TRP B 161 -8.41 29.39 5.78
C TRP B 161 -8.82 29.03 4.37
N ALA B 162 -8.52 27.80 3.95
CA ALA B 162 -8.83 27.37 2.60
C ALA B 162 -9.97 26.37 2.55
N ILE B 163 -10.48 25.97 3.70
CA ILE B 163 -11.53 24.94 3.73
C ILE B 163 -12.91 25.56 3.69
N GLY B 164 -13.63 25.32 2.60
CA GLY B 164 -14.99 25.80 2.44
C GLY B 164 -15.07 27.30 2.26
N THR B 165 -13.92 27.95 2.08
CA THR B 165 -13.85 29.40 2.09
C THR B 165 -13.73 30.02 0.70
N GLY B 166 -13.53 29.18 -0.30
CA GLY B 166 -13.29 29.64 -1.66
C GLY B 166 -11.91 30.28 -1.82
N LYS B 167 -11.14 30.30 -0.74
CA LYS B 167 -9.79 30.83 -0.80
C LYS B 167 -8.79 29.66 -0.88
N VAL B 168 -8.44 29.27 -2.10
CA VAL B 168 -7.50 28.16 -2.30
C VAL B 168 -6.07 28.64 -2.09
N ALA B 169 -5.21 27.75 -1.60
CA ALA B 169 -3.78 28.07 -1.54
C ALA B 169 -3.31 28.26 -2.97
N THR B 170 -2.48 29.27 -3.21
CA THR B 170 -1.85 29.39 -4.53
C THR B 170 -0.94 28.18 -4.71
N PRO B 171 -0.58 27.88 -5.97
CA PRO B 171 0.37 26.78 -6.16
C PRO B 171 1.61 26.97 -5.31
N GLN B 172 2.12 28.19 -5.22
CA GLN B 172 3.36 28.43 -4.48
C GLN B 172 3.19 28.16 -2.98
N GLN B 173 2.09 28.61 -2.41
CA GLN B 173 1.82 28.35 -1.00
C GLN B 173 1.68 26.85 -0.71
N ALA B 174 0.97 26.14 -1.59
CA ALA B 174 0.75 24.72 -1.37
C ALA B 174 2.08 24.01 -1.50
N GLN B 175 2.79 24.29 -2.58
CA GLN B 175 4.09 23.64 -2.80
C GLN B 175 5.03 23.89 -1.64
N GLU B 176 5.08 25.14 -1.18
CA GLU B 176 5.94 25.53 -0.07
CA GLU B 176 5.98 25.46 -0.11
C GLU B 176 5.60 24.76 1.20
N ALA B 177 4.31 24.70 1.50
CA ALA B 177 3.86 23.97 2.69
C ALA B 177 4.20 22.49 2.58
N HIS B 178 3.94 21.91 1.41
CA HIS B 178 4.20 20.51 1.20
C HIS B 178 5.69 20.24 1.28
N ALA B 179 6.49 21.13 0.69
CA ALA B 179 7.93 20.96 0.70
C ALA B 179 8.45 20.97 2.14
N LEU B 180 7.85 21.83 2.96
CA LEU B 180 8.23 21.97 4.34
C LEU B 180 7.92 20.67 5.09
N ILE B 181 6.70 20.19 4.92
CA ILE B 181 6.31 18.92 5.53
C ILE B 181 7.27 17.81 5.10
N ARG B 182 7.55 17.73 3.81
CA ARG B 182 8.38 16.63 3.32
C ARG B 182 9.81 16.76 3.82
N SER B 183 10.31 17.99 3.87
CA SER B 183 11.65 18.23 4.39
C SER B 183 11.75 17.76 5.83
N TRP B 184 10.71 18.02 6.61
CA TRP B 184 10.72 17.65 8.01
C TRP B 184 10.69 16.13 8.12
N VAL B 185 9.84 15.49 7.33
CA VAL B 185 9.76 14.05 7.32
C VAL B 185 11.10 13.45 6.90
N SER B 186 11.70 14.01 5.86
CA SER B 186 12.99 13.48 5.44
C SER B 186 14.01 13.52 6.60
N SER B 187 14.09 14.65 7.28
CA SER B 187 15.06 14.84 8.36
C SER B 187 14.77 14.00 9.59
N LYS B 188 13.50 13.94 9.96
CA LYS B 188 13.12 13.33 11.23
C LYS B 188 12.80 11.85 11.12
N ILE B 189 12.30 11.43 9.97
CA ILE B 189 11.85 10.04 9.81
C ILE B 189 12.73 9.26 8.86
N GLY B 190 13.08 9.89 7.74
CA GLY B 190 13.95 9.23 6.77
C GLY B 190 13.69 9.76 5.38
N ALA B 191 14.75 9.90 4.59
CA ALA B 191 14.60 10.33 3.21
C ALA B 191 13.78 9.32 2.44
N ASP B 192 13.90 8.05 2.80
CA ASP B 192 13.16 6.99 2.12
C ASP B 192 11.66 7.20 2.31
N VAL B 193 11.26 7.40 3.57
CA VAL B 193 9.87 7.66 3.92
C VAL B 193 9.38 8.93 3.24
N ALA B 194 10.19 10.00 3.30
CA ALA B 194 9.80 11.27 2.72
C ALA B 194 9.45 11.14 1.24
N GLY B 195 10.24 10.38 0.49
CA GLY B 195 10.03 10.23 -0.94
C GLY B 195 8.77 9.44 -1.29
N GLU B 196 8.35 8.54 -0.39
CA GLU B 196 7.21 7.67 -0.64
C GLU B 196 5.95 8.30 -0.09
N LEU B 197 6.10 9.29 0.78
CA LEU B 197 4.97 9.86 1.50
C LEU B 197 4.06 10.64 0.56
N ARG B 198 2.77 10.32 0.59
CA ARG B 198 1.81 11.13 -0.12
C ARG B 198 1.44 12.33 0.76
N ILE B 199 1.62 13.53 0.23
CA ILE B 199 1.13 14.72 0.89
C ILE B 199 0.04 15.29 0.01
N LEU B 200 -1.19 15.29 0.51
CA LEU B 200 -2.32 15.74 -0.28
C LEU B 200 -2.64 17.16 0.11
N TYR B 201 -3.08 17.93 -0.88
CA TYR B 201 -3.51 19.28 -0.57
C TYR B 201 -5.03 19.25 -0.39
N GLY B 202 -5.53 20.04 0.55
CA GLY B 202 -6.97 20.21 0.69
C GLY B 202 -7.36 21.65 0.94
N GLY B 203 -8.56 22.03 0.54
CA GLY B 203 -9.04 23.37 0.82
C GLY B 203 -9.40 24.11 -0.45
N SER B 204 -10.68 24.10 -0.79
CA SER B 204 -11.19 24.87 -1.93
C SER B 204 -10.54 24.40 -3.23
N VAL B 205 -10.41 23.09 -3.39
CA VAL B 205 -9.95 22.54 -4.64
C VAL B 205 -11.13 22.38 -5.59
N ASN B 206 -10.95 22.80 -6.84
CA ASN B 206 -11.92 22.48 -7.89
C ASN B 206 -11.18 21.90 -9.08
N GLY B 207 -11.93 21.48 -10.10
CA GLY B 207 -11.32 20.92 -11.29
C GLY B 207 -10.30 21.86 -11.89
N LYS B 208 -10.67 23.12 -11.95
CA LYS B 208 -9.80 24.17 -12.49
C LYS B 208 -8.45 24.18 -11.78
N ASN B 209 -8.45 24.51 -10.49
CA ASN B 209 -7.19 24.72 -9.79
C ASN B 209 -6.47 23.44 -9.40
N ALA B 210 -7.14 22.30 -9.42
CA ALA B 210 -6.48 21.06 -9.00
C ALA B 210 -5.34 20.68 -9.94
N ARG B 211 -5.50 20.94 -11.24
CA ARG B 211 -4.50 20.51 -12.19
C ARG B 211 -3.17 21.22 -11.93
N THR B 212 -3.23 22.54 -11.77
CA THR B 212 -2.04 23.32 -11.54
C THR B 212 -1.45 23.00 -10.17
N LEU B 213 -2.30 22.76 -9.18
CA LEU B 213 -1.82 22.35 -7.87
C LEU B 213 -1.11 21.02 -7.96
N TYR B 214 -1.71 20.08 -8.68
CA TYR B 214 -1.09 18.76 -8.78
C TYR B 214 0.26 18.82 -9.48
N GLN B 215 0.43 19.78 -10.37
CA GLN B 215 1.71 19.89 -11.09
C GLN B 215 2.86 20.25 -10.15
N GLN B 216 2.55 20.75 -8.96
CA GLN B 216 3.62 21.06 -8.01
C GLN B 216 4.39 19.82 -7.55
N ARG B 217 5.69 19.99 -7.40
CA ARG B 217 6.61 18.91 -7.05
C ARG B 217 6.13 18.04 -5.89
N ASP B 218 5.65 18.68 -4.83
CA ASP B 218 5.36 17.95 -3.61
C ASP B 218 3.89 17.71 -3.32
N VAL B 219 3.07 17.92 -4.32
CA VAL B 219 1.64 17.63 -4.19
C VAL B 219 1.32 16.26 -4.78
N ASN B 220 0.71 15.40 -3.96
CA ASN B 220 0.43 14.03 -4.38
C ASN B 220 -1.03 13.69 -4.47
N GLY B 221 -1.87 14.72 -4.53
CA GLY B 221 -3.28 14.48 -4.65
C GLY B 221 -4.04 15.45 -3.76
N PHE B 222 -5.27 15.08 -3.42
CA PHE B 222 -6.16 16.03 -2.79
C PHE B 222 -7.06 15.37 -1.78
N LEU B 223 -7.42 16.17 -0.77
CA LEU B 223 -8.48 15.83 0.14
C LEU B 223 -9.52 16.90 -0.13
N ALA B 224 -10.61 16.50 -0.78
CA ALA B 224 -11.56 17.47 -1.33
C ALA B 224 -12.98 17.18 -0.89
N GLY B 225 -13.90 18.08 -1.22
CA GLY B 225 -15.28 17.90 -0.85
C GLY B 225 -15.90 16.80 -1.68
N LEU B 226 -16.80 16.04 -1.07
CA LEU B 226 -17.49 14.97 -1.74
C LEU B 226 -18.65 15.59 -2.51
N LYS B 227 -18.37 15.89 -3.79
CA LYS B 227 -19.27 16.63 -4.67
C LYS B 227 -18.97 16.18 -6.09
N PRO B 228 -19.87 16.54 -7.04
CA PRO B 228 -19.69 16.14 -8.45
C PRO B 228 -18.33 16.54 -9.01
N GLU B 229 -17.85 17.71 -8.64
CA GLU B 229 -16.57 18.21 -9.15
C GLU B 229 -15.40 17.33 -8.73
N PHE B 230 -15.60 16.49 -7.73
CA PHE B 230 -14.57 15.56 -7.32
C PHE B 230 -14.08 14.75 -8.52
N VAL B 231 -14.97 14.48 -9.47
CA VAL B 231 -14.61 13.76 -10.67
C VAL B 231 -13.48 14.47 -11.39
N ASP B 232 -13.57 15.80 -11.47
CA ASP B 232 -12.55 16.60 -12.14
C ASP B 232 -11.28 16.65 -11.32
N ILE B 233 -11.42 16.62 -10.00
CA ILE B 233 -10.26 16.59 -9.11
C ILE B 233 -9.49 15.29 -9.31
N ILE B 234 -10.21 14.18 -9.42
CA ILE B 234 -9.58 12.89 -9.77
C ILE B 234 -8.77 13.02 -11.06
N LYS B 235 -9.41 13.58 -12.08
CA LYS B 235 -8.77 13.81 -13.37
C LYS B 235 -7.48 14.61 -13.25
N ALA B 236 -7.42 15.51 -12.27
CA ALA B 236 -6.28 16.41 -12.13
C ALA B 236 -5.03 15.71 -11.61
N THR B 237 -5.17 14.47 -11.14
CA THR B 237 -4.03 13.72 -10.59
C THR B 237 -3.32 12.90 -11.66
N GLN B 238 -3.54 13.25 -12.91
CA GLN B 238 -2.95 12.55 -14.06
C GLN B 238 -1.50 12.95 -14.27
C1 3PG C . -12.40 18.91 3.28
O1 3PG C . -13.35 18.58 3.95
O2 3PG C . -11.22 18.34 3.49
C2 3PG C . -12.62 19.46 1.90
O3 3PG C . -11.37 19.61 1.24
C3 3PG C . -13.29 20.82 1.98
O1P 3PG C . -13.51 21.14 0.61
P 3PG C . -14.13 22.55 0.17
O2P 3PG C . -15.31 22.87 1.00
O3P 3PG C . -12.95 23.65 0.39
O4P 3PG C . -14.58 22.47 -1.39
#